data_2XQB
#
_entry.id   2XQB
#
_cell.length_a   185.186
_cell.length_b   43.754
_cell.length_c   70.087
_cell.angle_alpha   90.00
_cell.angle_beta   95.95
_cell.angle_gamma   90.00
#
_symmetry.space_group_name_H-M   'C 1 2 1'
#
loop_
_entity.id
_entity.type
_entity.pdbx_description
1 polymer 'INTERLEUKIN 15'
2 polymer 'ANTI-IL-15 ANTIBODY'
3 polymer 'ANTI-IL-15 ANTIBODY'
4 non-polymer 'SULFATE ION'
5 water water
#
loop_
_entity_poly.entity_id
_entity_poly.type
_entity_poly.pdbx_seq_one_letter_code
_entity_poly.pdbx_strand_id
1 'polypeptide(L)'
;NWVNVISDLKKIEDLIQSMHIDATLYTESDVHPSCKVTAMKCFLLELQVISLESGDASIHDTVENLIILANNSLSSNGNV
TESGCKECEELEEKNIKEFLQSFVHIVQMFINTS
;
A
2 'polypeptide(L)'
;QVQLVQSGAEVKKPGASVKVSCKASGYSFSSFGISWVRQAPGQGLEWLGWISAFNGYTKYAQKFQDRVTMTTDTSTSTAY
MELRSLRSDDTAVYYCARDPAAWPLQQSLAWFDPWGQGTMVTVSSASTKGPSVFPLAPSSKSTSGGTAALGCLVKDYFPE
PVTVSWNSGALTSGVHTFPAVLQSSGLYSLSSVVTVPSSSLGTQTYICNVNHKPSNTKVDKRVEPKSCDKTHQYVL
;
H
3 'polypeptide(L)'
;TQPPSASGTPGQRVTISCSGSTSNLKRNYVYWYQQLPGTAPKLLIYRDRRRPSGVPDRFSGSKSGTSASLAISGLRSEDE
ADYYCAWYDRELSEWVFGGGTKLTVLQPKAAPSVTLFPPSSEELQANKATLVCLISDFYPGAVTVAWKADSSPVKAGVET
TTPSKQSNNKYAASSYLSLTPEQWKSHRSYSCQVTHEGSTVEKTVAPTECS
;
L
#
loop_
_chem_comp.id
_chem_comp.type
_chem_comp.name
_chem_comp.formula
SO4 non-polymer 'SULFATE ION' 'O4 S -2'
#
# COMPACT_ATOMS: atom_id res chain seq x y z
N ASN A 1 17.44 -6.27 39.15
CA ASN A 1 16.85 -5.65 37.93
C ASN A 1 17.83 -5.76 36.79
N TRP A 2 19.01 -5.28 37.12
CA TRP A 2 20.14 -5.26 36.20
C TRP A 2 20.83 -6.59 36.31
N VAL A 3 20.52 -7.25 37.41
CA VAL A 3 21.15 -8.52 37.76
C VAL A 3 20.36 -9.66 37.15
N ASN A 4 19.12 -9.34 36.84
CA ASN A 4 18.19 -10.33 36.32
C ASN A 4 18.56 -10.57 34.87
N VAL A 5 19.12 -9.51 34.30
CA VAL A 5 19.34 -9.38 32.85
C VAL A 5 20.55 -10.22 32.44
N ILE A 6 21.37 -10.51 33.43
CA ILE A 6 22.60 -11.30 33.24
C ILE A 6 22.23 -12.73 33.04
N SER A 7 21.23 -13.15 33.80
CA SER A 7 20.82 -14.54 33.85
C SER A 7 20.15 -14.90 32.55
N ASP A 8 19.52 -13.88 31.97
CA ASP A 8 18.70 -14.05 30.74
C ASP A 8 19.63 -14.10 29.54
N LEU A 9 20.78 -13.49 29.74
CA LEU A 9 21.78 -13.36 28.68
C LEU A 9 22.40 -14.72 28.40
N LYS A 10 22.33 -15.56 29.41
CA LYS A 10 22.95 -16.88 29.36
C LYS A 10 22.05 -17.83 28.61
N LYS A 11 20.76 -17.64 28.83
CA LYS A 11 19.78 -18.59 28.31
C LYS A 11 19.89 -18.56 26.81
N ILE A 12 20.19 -17.37 26.33
CA ILE A 12 20.15 -17.04 24.89
C ILE A 12 21.49 -17.36 24.27
N GLU A 13 22.49 -16.88 24.99
CA GLU A 13 23.90 -17.12 24.63
C GLU A 13 24.07 -18.61 24.52
N ASP A 14 22.93 -19.27 24.64
CA ASP A 14 22.85 -20.73 24.62
C ASP A 14 21.93 -21.21 23.54
N LEU A 15 20.67 -20.93 23.84
CA LEU A 15 19.53 -21.30 22.99
C LEU A 15 19.87 -21.09 21.53
N ILE A 16 21.01 -20.46 21.30
CA ILE A 16 21.43 -20.02 19.96
C ILE A 16 22.01 -21.18 19.17
N GLN A 17 22.41 -22.21 19.89
CA GLN A 17 22.99 -23.42 19.31
C GLN A 17 21.92 -24.50 19.19
N ILE A 21 23.24 -20.09 13.29
CA ILE A 21 24.24 -19.19 13.85
C ILE A 21 23.73 -17.77 13.82
N ASP A 22 24.43 -16.93 13.07
CA ASP A 22 23.97 -15.55 12.85
C ASP A 22 25.01 -14.61 12.25
N ALA A 23 24.68 -13.32 12.33
CA ALA A 23 25.53 -12.25 11.80
C ALA A 23 25.99 -11.30 12.89
N THR A 24 26.27 -10.09 12.47
CA THR A 24 27.02 -9.14 13.28
C THR A 24 26.22 -8.00 13.86
N LEU A 25 26.43 -7.79 15.16
CA LEU A 25 25.73 -6.75 15.88
C LEU A 25 26.66 -5.63 16.34
N TYR A 26 26.06 -4.47 16.52
CA TYR A 26 26.75 -3.28 17.02
C TYR A 26 27.00 -3.36 18.51
N THR A 27 28.28 -3.44 18.84
CA THR A 27 28.72 -3.64 20.22
C THR A 27 29.76 -2.66 20.70
N GLU A 28 29.69 -2.41 21.99
CA GLU A 28 30.56 -1.45 22.67
C GLU A 28 31.12 -1.99 23.97
N SER A 29 32.39 -1.67 24.19
CA SER A 29 33.10 -2.04 25.42
C SER A 29 33.99 -0.91 25.93
N ASP A 30 34.13 0.07 25.05
CA ASP A 30 34.86 1.32 25.36
C ASP A 30 33.94 2.14 26.22
N VAL A 31 33.05 1.39 26.86
CA VAL A 31 31.86 1.94 27.54
C VAL A 31 32.15 2.99 28.59
N HIS A 32 32.03 4.23 28.15
CA HIS A 32 32.20 5.41 29.03
C HIS A 32 30.97 5.56 29.91
N PRO A 33 31.18 5.63 31.22
CA PRO A 33 30.10 5.61 32.19
C PRO A 33 29.12 6.66 31.75
N SER A 34 29.71 7.63 31.07
CA SER A 34 29.06 8.91 30.77
C SER A 34 28.37 8.88 29.43
N CYS A 35 28.17 7.65 28.96
CA CYS A 35 27.67 7.40 27.61
C CYS A 35 27.02 6.05 27.56
N LYS A 36 26.60 5.62 28.74
CA LYS A 36 26.35 4.21 29.03
C LYS A 36 24.91 3.81 28.87
N VAL A 37 24.03 4.79 29.02
CA VAL A 37 22.59 4.52 28.89
C VAL A 37 22.25 4.46 27.42
N THR A 38 23.14 5.02 26.65
CA THR A 38 22.99 5.07 25.19
C THR A 38 23.45 3.74 24.67
N ALA A 39 24.44 3.22 25.37
CA ALA A 39 25.08 1.97 24.98
C ALA A 39 24.07 0.86 25.18
N MET A 40 23.22 1.06 26.17
CA MET A 40 22.29 0.00 26.61
C MET A 40 21.16 -0.07 25.61
N LYS A 41 20.82 1.11 25.11
CA LYS A 41 19.69 1.26 24.21
C LYS A 41 20.07 0.56 22.93
N CYS A 42 21.32 0.74 22.57
CA CYS A 42 21.83 0.18 21.32
C CYS A 42 21.78 -1.33 21.47
N PHE A 43 22.27 -1.76 22.61
CA PHE A 43 22.32 -3.19 22.95
C PHE A 43 20.94 -3.79 22.89
N LEU A 44 19.99 -3.03 23.37
CA LEU A 44 18.61 -3.50 23.50
C LEU A 44 17.97 -3.69 22.15
N LEU A 45 18.39 -2.85 21.22
CA LEU A 45 17.82 -2.90 19.86
C LEU A 45 18.39 -4.10 19.18
N GLU A 46 19.71 -4.11 19.18
CA GLU A 46 20.52 -5.15 18.53
C GLU A 46 20.00 -6.51 18.93
N LEU A 47 19.71 -6.55 20.22
CA LEU A 47 19.32 -7.79 20.89
C LEU A 47 18.20 -8.44 20.09
N GLN A 48 17.37 -7.58 19.55
CA GLN A 48 16.12 -8.00 18.91
C GLN A 48 16.42 -8.56 17.54
N VAL A 49 17.62 -8.29 17.10
CA VAL A 49 18.06 -8.73 15.78
C VAL A 49 18.19 -10.23 15.82
N ILE A 50 18.23 -10.73 17.06
CA ILE A 50 18.38 -12.17 17.31
C ILE A 50 17.02 -12.84 17.23
N SER A 51 16.04 -12.15 17.78
CA SER A 51 14.66 -12.64 17.76
C SER A 51 14.26 -12.70 16.31
N LEU A 52 14.80 -11.76 15.57
CA LEU A 52 14.36 -11.52 14.20
C LEU A 52 14.75 -12.71 13.35
N GLU A 53 16.05 -12.99 13.41
CA GLU A 53 16.66 -14.11 12.68
C GLU A 53 16.17 -15.44 13.20
N SER A 54 16.04 -15.52 14.51
CA SER A 54 15.59 -16.75 15.18
C SER A 54 14.09 -16.85 15.13
N GLY A 55 13.62 -17.98 14.63
CA GLY A 55 12.19 -18.24 14.53
C GLY A 55 11.69 -18.57 15.90
N ASP A 56 12.66 -18.78 16.78
CA ASP A 56 12.43 -19.27 18.15
C ASP A 56 11.43 -18.43 18.90
N ALA A 57 10.64 -19.15 19.70
CA ALA A 57 9.56 -18.56 20.47
C ALA A 57 10.08 -18.21 21.85
N SER A 58 10.99 -19.07 22.28
CA SER A 58 11.46 -19.08 23.67
C SER A 58 12.43 -17.95 23.87
N ILE A 59 13.15 -17.63 22.80
CA ILE A 59 14.20 -16.61 22.87
C ILE A 59 13.55 -15.24 22.72
N HIS A 60 12.44 -15.21 21.99
CA HIS A 60 11.64 -13.98 21.88
C HIS A 60 11.11 -13.60 23.24
N ASP A 61 10.74 -14.63 23.98
CA ASP A 61 10.06 -14.46 25.28
C ASP A 61 11.10 -13.99 26.26
N THR A 62 12.35 -14.32 25.91
CA THR A 62 13.51 -14.11 26.78
C THR A 62 14.08 -12.71 26.57
N VAL A 63 14.17 -12.31 25.30
CA VAL A 63 14.69 -10.99 24.96
C VAL A 63 13.66 -9.99 25.41
N GLU A 64 12.42 -10.47 25.45
CA GLU A 64 11.27 -9.63 25.78
C GLU A 64 11.28 -9.34 27.27
N ASN A 65 11.63 -10.38 28.02
CA ASN A 65 11.65 -10.32 29.48
C ASN A 65 12.77 -9.40 29.90
N LEU A 66 13.76 -9.42 29.05
CA LEU A 66 15.03 -8.73 29.27
C LEU A 66 14.80 -7.26 28.99
N ILE A 67 14.04 -7.01 27.94
CA ILE A 67 13.77 -5.64 27.53
C ILE A 67 12.87 -4.99 28.56
N ILE A 68 12.01 -5.79 29.14
CA ILE A 68 11.05 -5.26 30.10
C ILE A 68 11.82 -4.77 31.32
N LEU A 69 12.81 -5.57 31.70
CA LEU A 69 13.69 -5.27 32.85
C LEU A 69 14.49 -4.02 32.60
N ALA A 70 15.14 -4.07 31.46
CA ALA A 70 16.10 -3.04 31.05
C ALA A 70 15.40 -1.71 30.86
N ASN A 71 14.36 -1.80 30.04
CA ASN A 71 13.56 -0.61 29.70
C ASN A 71 13.21 0.18 30.94
N ASN A 72 12.62 -0.55 31.87
CA ASN A 72 12.11 0.04 33.12
C ASN A 72 13.21 0.53 34.05
N SER A 73 14.37 -0.08 33.94
CA SER A 73 15.50 0.28 34.81
C SER A 73 15.92 1.69 34.42
N LEU A 74 16.13 1.82 33.12
CA LEU A 74 16.57 3.08 32.53
C LEU A 74 15.64 4.17 32.99
N SER A 75 14.38 3.94 32.64
CA SER A 75 13.27 4.80 33.07
C SER A 75 13.07 4.71 34.58
N THR A 81 18.89 10.95 29.66
CA THR A 81 19.79 10.85 28.51
C THR A 81 21.03 11.72 28.64
N GLU A 82 21.94 11.46 27.72
CA GLU A 82 23.32 11.99 27.76
C GLU A 82 23.82 12.60 26.48
N SER A 83 25.05 13.05 26.60
CA SER A 83 25.70 13.90 25.59
C SER A 83 27.09 13.42 25.16
N GLY A 84 27.34 13.65 23.88
CA GLY A 84 28.66 13.48 23.25
C GLY A 84 28.90 12.05 22.80
N CYS A 85 27.88 11.25 23.06
CA CYS A 85 27.89 9.81 22.78
C CYS A 85 27.94 9.41 21.33
N LYS A 86 28.30 8.15 21.18
CA LYS A 86 28.44 7.51 19.88
C LYS A 86 27.11 6.94 19.47
N GLU A 87 26.78 7.12 18.20
CA GLU A 87 25.56 6.52 17.66
C GLU A 87 25.75 5.04 17.61
N CYS A 88 24.63 4.37 17.44
CA CYS A 88 24.61 2.91 17.50
C CYS A 88 25.33 2.43 16.27
N GLU A 89 25.18 3.23 15.24
CA GLU A 89 25.52 2.83 13.87
C GLU A 89 27.03 2.78 13.75
N GLU A 90 27.66 3.49 14.67
CA GLU A 90 29.09 3.74 14.61
C GLU A 90 29.81 2.98 15.70
N LEU A 91 29.18 1.87 16.05
CA LEU A 91 29.75 0.92 17.01
C LEU A 91 30.41 -0.26 16.32
N GLU A 92 31.23 -0.94 17.11
CA GLU A 92 31.96 -2.11 16.62
C GLU A 92 30.95 -3.17 16.26
N GLU A 93 31.30 -3.97 15.27
CA GLU A 93 30.44 -5.06 14.81
C GLU A 93 31.03 -6.40 15.16
N LYS A 94 30.50 -6.97 16.23
CA LYS A 94 30.97 -8.25 16.74
C LYS A 94 29.94 -9.35 16.62
N ASN A 95 30.43 -10.53 16.92
CA ASN A 95 29.65 -11.78 16.86
C ASN A 95 28.65 -11.92 17.99
N ILE A 96 27.79 -12.90 17.80
CA ILE A 96 26.66 -13.15 18.69
C ILE A 96 27.21 -13.53 20.04
N LYS A 97 28.51 -13.76 20.03
CA LYS A 97 29.25 -14.24 21.21
C LYS A 97 29.74 -13.07 22.02
N GLU A 98 30.40 -12.19 21.30
CA GLU A 98 31.07 -11.03 21.89
C GLU A 98 30.02 -10.00 22.28
N PHE A 99 28.93 -10.02 21.54
CA PHE A 99 27.85 -9.07 21.73
C PHE A 99 27.24 -9.33 23.07
N LEU A 100 26.86 -10.59 23.20
CA LEU A 100 26.23 -11.11 24.42
C LEU A 100 27.09 -10.79 25.62
N GLN A 101 28.34 -11.19 25.51
CA GLN A 101 29.32 -11.02 26.60
C GLN A 101 29.56 -9.55 26.89
N SER A 102 29.55 -8.77 25.82
CA SER A 102 29.82 -7.33 25.89
C SER A 102 28.62 -6.65 26.50
N PHE A 103 27.55 -7.43 26.53
CA PHE A 103 26.27 -6.97 27.05
C PHE A 103 26.33 -7.14 28.54
N VAL A 104 26.77 -8.34 28.86
CA VAL A 104 26.94 -8.79 30.25
C VAL A 104 27.74 -7.77 31.03
N HIS A 105 28.75 -7.24 30.34
CA HIS A 105 29.70 -6.33 30.99
C HIS A 105 29.06 -5.00 31.30
N ILE A 106 28.35 -4.49 30.31
CA ILE A 106 27.77 -3.13 30.38
C ILE A 106 26.64 -3.08 31.40
N VAL A 107 26.19 -4.27 31.76
CA VAL A 107 25.11 -4.42 32.74
C VAL A 107 25.72 -4.25 34.12
N GLN A 108 26.93 -4.77 34.22
CA GLN A 108 27.72 -4.72 35.45
C GLN A 108 28.00 -3.29 35.88
N MET A 109 28.26 -2.47 34.87
CA MET A 109 28.62 -1.07 35.10
C MET A 109 27.42 -0.34 35.65
N PHE A 110 26.27 -0.78 35.14
CA PHE A 110 24.99 -0.19 35.52
C PHE A 110 24.75 -0.56 36.95
N ILE A 111 25.20 -1.76 37.24
CA ILE A 111 24.98 -2.39 38.55
C ILE A 111 25.69 -1.62 39.64
N ASN A 112 26.97 -1.33 39.37
CA ASN A 112 27.83 -0.67 40.35
C ASN A 112 27.41 0.76 40.45
N THR A 113 26.16 0.99 40.05
CA THR A 113 25.59 2.34 40.03
C THR A 113 24.06 2.39 40.17
N GLN B 1 1.96 -16.15 18.46
CA GLN B 1 1.28 -15.39 17.36
C GLN B 1 1.17 -13.92 17.74
N VAL B 2 1.65 -13.09 16.82
CA VAL B 2 1.62 -11.65 16.97
C VAL B 2 0.71 -11.04 15.93
N GLN B 3 -0.08 -10.09 16.41
CA GLN B 3 -1.02 -9.39 15.54
C GLN B 3 -1.13 -7.93 15.88
N LEU B 4 -1.34 -7.16 14.84
CA LEU B 4 -1.89 -5.81 14.96
C LEU B 4 -3.21 -5.77 14.23
N VAL B 5 -4.24 -5.34 14.94
CA VAL B 5 -5.60 -5.24 14.39
C VAL B 5 -6.13 -3.83 14.53
N GLN B 6 -6.37 -3.24 13.39
CA GLN B 6 -6.80 -1.85 13.30
C GLN B 6 -8.30 -1.71 13.14
N SER B 7 -8.70 -0.47 13.25
CA SER B 7 -10.10 -0.08 13.16
C SER B 7 -10.56 -0.09 11.73
N GLY B 8 -11.83 0.23 11.64
CA GLY B 8 -12.59 0.13 10.40
C GLY B 8 -12.50 1.33 9.49
N ALA B 9 -12.92 1.08 8.26
CA ALA B 9 -12.93 2.12 7.22
C ALA B 9 -13.74 3.32 7.66
N GLU B 10 -13.17 4.47 7.35
CA GLU B 10 -13.69 5.75 7.74
C GLU B 10 -13.94 6.64 6.55
N VAL B 11 -14.92 7.50 6.75
CA VAL B 11 -15.28 8.54 5.79
C VAL B 11 -15.44 9.87 6.46
N LYS B 12 -14.70 10.82 5.92
CA LYS B 12 -14.53 12.12 6.55
C LYS B 12 -14.58 13.28 5.58
N LYS B 13 -14.99 14.41 6.12
CA LYS B 13 -15.02 15.66 5.37
C LYS B 13 -13.72 16.42 5.58
N PRO B 14 -13.37 17.26 4.61
CA PRO B 14 -12.22 18.15 4.75
C PRO B 14 -12.37 18.96 6.02
N GLY B 15 -11.24 19.10 6.69
CA GLY B 15 -11.13 19.96 7.86
C GLY B 15 -11.49 19.16 9.08
N ALA B 16 -11.99 17.98 8.82
CA ALA B 16 -12.33 17.02 9.87
C ALA B 16 -11.14 16.22 10.33
N SER B 17 -11.43 15.38 11.30
CA SER B 17 -10.45 14.50 11.93
C SER B 17 -10.80 13.04 11.84
N VAL B 18 -9.74 12.26 11.80
CA VAL B 18 -9.81 10.81 11.93
C VAL B 18 -8.89 10.35 13.02
N LYS B 19 -9.37 9.33 13.70
CA LYS B 19 -8.62 8.61 14.72
C LYS B 19 -8.67 7.13 14.39
N VAL B 20 -7.51 6.65 13.97
CA VAL B 20 -7.32 5.26 13.57
C VAL B 20 -6.67 4.57 14.74
N SER B 21 -7.14 3.37 15.01
CA SER B 21 -6.59 2.58 16.09
C SER B 21 -5.95 1.35 15.57
N CYS B 22 -5.15 0.81 16.48
CA CYS B 22 -4.22 -0.28 16.19
C CYS B 22 -3.94 -1.08 17.45
N LYS B 23 -4.68 -2.17 17.56
CA LYS B 23 -4.69 -3.03 18.75
C LYS B 23 -3.68 -4.12 18.57
N ALA B 24 -2.89 -4.29 19.62
CA ALA B 24 -1.77 -5.23 19.60
C ALA B 24 -2.07 -6.46 20.41
N SER B 25 -1.64 -7.57 19.84
CA SER B 25 -1.82 -8.89 20.43
C SER B 25 -0.51 -9.66 20.41
N GLY B 26 -0.42 -10.59 21.35
CA GLY B 26 0.58 -11.65 21.34
C GLY B 26 1.94 -11.30 21.87
N TYR B 27 2.10 -10.05 22.27
CA TYR B 27 3.37 -9.61 22.82
C TYR B 27 3.25 -8.43 23.74
N SER B 28 4.41 -7.99 24.18
CA SER B 28 4.56 -6.86 25.11
C SER B 28 4.62 -5.58 24.33
N PHE B 29 3.43 -5.18 23.94
CA PHE B 29 3.15 -3.95 23.17
C PHE B 29 4.00 -2.81 23.66
N SER B 30 4.19 -2.83 24.96
CA SER B 30 4.65 -1.68 25.75
C SER B 30 6.18 -1.60 25.81
N SER B 31 6.81 -2.66 25.33
CA SER B 31 8.28 -2.76 25.43
C SER B 31 8.89 -2.20 24.18
N PHE B 32 8.01 -2.02 23.22
CA PHE B 32 8.40 -1.64 21.87
C PHE B 32 7.71 -0.37 21.41
N GLY B 33 7.63 -0.26 20.09
CA GLY B 33 7.08 0.93 19.45
C GLY B 33 6.14 0.63 18.30
N ILE B 34 5.53 1.68 17.79
CA ILE B 34 4.67 1.58 16.62
C ILE B 34 5.02 2.63 15.58
N SER B 35 5.11 2.15 14.36
CA SER B 35 5.35 2.99 13.21
C SER B 35 4.11 2.97 12.34
N TRP B 36 3.80 4.16 11.85
CA TRP B 36 2.64 4.40 11.01
C TRP B 36 3.08 4.80 9.63
N VAL B 37 2.49 4.10 8.68
CA VAL B 37 2.71 4.34 7.27
C VAL B 37 1.39 4.39 6.54
N ARG B 38 1.37 5.13 5.45
CA ARG B 38 0.15 5.22 4.65
C ARG B 38 0.39 5.10 3.16
N GLN B 39 -0.72 4.84 2.49
CA GLN B 39 -0.73 4.53 1.06
C GLN B 39 -1.96 5.05 0.30
N ALA B 40 -1.76 6.16 -0.37
CA ALA B 40 -2.79 6.74 -1.22
C ALA B 40 -3.15 5.70 -2.26
N PRO B 41 -4.40 5.69 -2.72
CA PRO B 41 -4.79 4.67 -3.68
C PRO B 41 -3.90 4.67 -4.89
N GLY B 42 -3.41 3.47 -5.16
CA GLY B 42 -2.66 3.19 -6.37
C GLY B 42 -1.30 3.82 -6.34
N GLN B 43 -0.90 4.19 -5.14
CA GLN B 43 0.40 4.82 -4.92
C GLN B 43 1.26 4.18 -3.84
N GLY B 44 2.29 4.93 -3.50
CA GLY B 44 3.40 4.42 -2.68
C GLY B 44 3.19 4.60 -1.20
N LEU B 45 4.12 3.99 -0.47
CA LEU B 45 4.16 4.06 0.99
C LEU B 45 4.96 5.26 1.48
N GLU B 46 4.37 5.92 2.46
CA GLU B 46 5.03 7.02 3.18
C GLU B 46 4.82 6.89 4.67
N TRP B 47 5.95 6.89 5.35
CA TRP B 47 6.00 6.80 6.81
C TRP B 47 5.54 8.11 7.40
N LEU B 48 4.62 8.00 8.35
CA LEU B 48 4.01 9.18 8.99
C LEU B 48 4.85 9.62 10.15
N GLY B 49 5.34 8.62 10.84
CA GLY B 49 6.07 8.80 12.11
C GLY B 49 6.07 7.57 12.97
N TRP B 50 6.46 7.79 14.21
CA TRP B 50 6.67 6.72 15.21
C TRP B 50 6.40 7.12 16.64
N ILE B 51 6.14 6.10 17.41
CA ILE B 51 5.84 6.23 18.83
C ILE B 51 6.35 5.03 19.62
N SER B 52 6.88 5.35 20.79
CA SER B 52 7.31 4.34 21.75
C SER B 52 6.11 3.99 22.58
N ALA B 53 5.77 2.72 22.56
CA ALA B 53 4.62 2.21 23.30
C ALA B 53 5.06 2.11 24.71
N PHE B 54 6.33 2.48 24.90
CA PHE B 54 6.95 2.42 26.22
C PHE B 54 6.98 3.76 26.94
N ASN B 55 7.33 4.82 26.23
CA ASN B 55 7.41 6.15 26.87
C ASN B 55 6.47 7.20 26.29
N GLY B 56 5.99 6.92 25.11
CA GLY B 56 5.03 7.78 24.44
C GLY B 56 5.75 8.86 23.66
N TYR B 57 7.08 8.73 23.66
CA TYR B 57 7.91 9.61 22.84
C TYR B 57 7.58 9.34 21.39
N THR B 58 7.63 10.41 20.63
CA THR B 58 7.26 10.40 19.23
C THR B 58 8.20 11.12 18.30
N LYS B 59 7.99 10.75 17.06
CA LYS B 59 8.76 11.28 15.94
C LYS B 59 7.89 11.37 14.73
N TYR B 60 7.62 12.59 14.34
CA TYR B 60 6.70 12.86 13.22
C TYR B 60 7.48 13.19 11.97
N ALA B 61 6.95 12.76 10.85
CA ALA B 61 7.51 13.14 9.53
C ALA B 61 7.03 14.53 9.16
N GLN B 62 7.98 15.33 8.74
CA GLN B 62 7.79 16.75 8.39
C GLN B 62 6.47 17.02 7.71
N LYS B 63 6.02 16.02 6.98
CA LYS B 63 4.91 16.21 6.04
C LYS B 63 3.63 16.13 6.83
N PHE B 64 3.76 15.63 8.06
CA PHE B 64 2.60 15.35 8.92
C PHE B 64 2.65 15.95 10.28
N GLN B 65 3.82 16.39 10.65
CA GLN B 65 4.13 16.83 12.02
C GLN B 65 3.15 17.88 12.49
N ASP B 66 2.53 18.54 11.52
CA ASP B 66 1.65 19.69 11.79
C ASP B 66 0.23 19.27 12.14
N ARG B 67 -0.10 18.04 11.79
CA ARG B 67 -1.46 17.54 11.94
C ARG B 67 -1.63 16.20 12.63
N VAL B 68 -0.56 15.44 12.76
CA VAL B 68 -0.64 14.16 13.47
C VAL B 68 -0.50 14.30 14.96
N THR B 69 -1.07 13.29 15.57
CA THR B 69 -0.93 13.03 17.00
C THR B 69 -1.01 11.56 17.21
N MET B 70 0.13 10.99 17.55
CA MET B 70 0.23 9.57 17.86
C MET B 70 0.28 9.42 19.36
N THR B 71 -0.46 8.44 19.82
CA THR B 71 -0.45 8.10 21.22
C THR B 71 -0.64 6.62 21.38
N THR B 72 -0.60 6.21 22.62
CA THR B 72 -0.80 4.81 22.97
C THR B 72 -1.39 4.67 24.34
N ASP B 73 -1.98 3.52 24.53
CA ASP B 73 -2.66 3.19 25.78
C ASP B 73 -2.22 1.83 26.32
N THR B 74 -1.31 1.89 27.27
CA THR B 74 -0.63 0.69 27.76
C THR B 74 -1.63 -0.33 28.25
N SER B 75 -2.81 0.17 28.55
CA SER B 75 -3.80 -0.62 29.28
C SER B 75 -4.60 -1.42 28.29
N THR B 76 -4.72 -0.88 27.10
CA THR B 76 -5.53 -1.51 26.04
C THR B 76 -4.64 -1.97 24.93
N SER B 77 -3.35 -1.83 25.17
CA SER B 77 -2.32 -2.24 24.23
C SER B 77 -2.66 -1.74 22.85
N THR B 78 -3.07 -0.48 22.83
CA THR B 78 -3.52 0.20 21.61
C THR B 78 -2.77 1.50 21.34
N ALA B 79 -2.30 1.58 20.11
CA ALA B 79 -1.72 2.81 19.58
C ALA B 79 -2.80 3.51 18.81
N TYR B 80 -2.74 4.83 18.80
CA TYR B 80 -3.70 5.64 18.05
C TYR B 80 -3.00 6.57 17.11
N MET B 81 -3.64 6.74 15.98
CA MET B 81 -3.26 7.73 15.00
C MET B 81 -4.39 8.70 14.76
N GLU B 82 -4.04 9.95 14.93
CA GLU B 82 -4.99 11.03 14.76
C GLU B 82 -4.43 12.04 13.78
N LEU B 83 -5.17 12.17 12.70
CA LEU B 83 -4.85 13.15 11.68
C LEU B 83 -6.00 14.12 11.59
N ARG B 84 -5.61 15.39 11.61
CA ARG B 84 -6.59 16.46 11.67
C ARG B 84 -6.48 17.39 10.51
N SER B 85 -7.44 18.28 10.49
CA SER B 85 -7.60 19.22 9.42
C SER B 85 -7.39 18.42 8.15
N LEU B 86 -8.12 17.32 8.11
CA LEU B 86 -8.14 16.42 6.94
C LEU B 86 -8.36 17.22 5.68
N ARG B 87 -7.60 16.83 4.68
CA ARG B 87 -7.72 17.36 3.32
C ARG B 87 -7.98 16.21 2.40
N SER B 88 -8.19 16.55 1.15
CA SER B 88 -8.71 15.59 0.17
C SER B 88 -7.71 14.47 0.00
N ASP B 89 -6.46 14.90 -0.12
CA ASP B 89 -5.37 14.02 -0.55
C ASP B 89 -4.89 13.15 0.61
N ASP B 90 -5.67 13.18 1.68
CA ASP B 90 -5.40 12.35 2.87
C ASP B 90 -6.13 11.03 2.71
N THR B 91 -6.85 10.95 1.61
CA THR B 91 -7.60 9.74 1.27
C THR B 91 -6.58 8.65 1.06
N ALA B 92 -6.68 7.62 1.89
CA ALA B 92 -5.58 6.63 2.02
C ALA B 92 -5.82 5.56 3.06
N VAL B 93 -5.25 4.40 2.76
CA VAL B 93 -5.15 3.30 3.72
C VAL B 93 -3.97 3.61 4.60
N TYR B 94 -4.26 3.64 5.89
CA TYR B 94 -3.27 3.85 6.94
C TYR B 94 -2.97 2.55 7.65
N TYR B 95 -1.68 2.26 7.73
CA TYR B 95 -1.20 1.09 8.45
C TYR B 95 -0.45 1.43 9.71
N CYS B 96 -0.38 0.40 10.52
CA CYS B 96 0.51 0.39 11.67
C CYS B 96 1.41 -0.81 11.57
N ALA B 97 2.57 -0.67 12.17
CA ALA B 97 3.54 -1.77 12.28
C ALA B 97 4.34 -1.67 13.56
N ARG B 98 4.59 -2.84 14.11
CA ARG B 98 5.44 -2.94 15.27
C ARG B 98 6.81 -2.49 14.83
N ASP B 99 7.49 -1.89 15.78
CA ASP B 99 8.74 -1.20 15.55
C ASP B 99 9.60 -1.44 16.80
N PRO B 100 10.85 -1.87 16.61
CA PRO B 100 11.61 -2.40 17.74
C PRO B 100 12.11 -1.32 18.66
N ALA B 101 11.91 -0.07 18.24
CA ALA B 101 12.41 1.09 18.99
C ALA B 101 11.44 1.62 20.03
N ALA B 102 11.88 1.54 21.29
CA ALA B 102 11.17 2.11 22.46
C ALA B 102 11.79 3.46 22.79
N TRP B 103 12.92 3.69 22.17
CA TRP B 103 13.71 4.89 22.41
C TRP B 103 14.13 5.51 21.11
N PRO B 104 13.94 6.84 20.99
CA PRO B 104 14.13 7.57 19.76
C PRO B 104 15.43 7.26 19.05
N LEU B 105 16.47 7.01 19.81
CA LEU B 105 17.80 6.90 19.21
C LEU B 105 17.88 5.59 18.45
N GLN B 106 17.08 4.65 18.92
CA GLN B 106 17.09 3.29 18.39
C GLN B 106 16.35 3.26 17.08
N GLN B 107 15.57 4.29 16.88
CA GLN B 107 14.50 4.26 15.87
C GLN B 107 15.10 4.33 14.47
N SER B 108 16.38 4.62 14.42
CA SER B 108 17.08 4.84 13.14
C SER B 108 17.46 3.50 12.53
N LEU B 109 17.41 2.50 13.40
CA LEU B 109 17.86 1.14 13.05
C LEU B 109 16.66 0.21 13.08
N ALA B 110 15.53 0.81 12.80
CA ALA B 110 14.24 0.12 12.90
C ALA B 110 13.85 -0.67 11.68
N TRP B 111 13.07 -1.70 11.98
CA TRP B 111 12.34 -2.51 10.98
C TRP B 111 10.88 -2.63 11.41
N PHE B 112 10.01 -2.81 10.43
CA PHE B 112 8.57 -2.86 10.67
C PHE B 112 7.98 -4.25 10.44
N ASP B 113 7.60 -4.88 11.55
CA ASP B 113 7.17 -6.29 11.56
C ASP B 113 6.42 -6.71 12.84
N PRO B 114 5.13 -7.10 12.71
CA PRO B 114 4.36 -7.07 11.48
C PRO B 114 3.52 -5.82 11.35
N TRP B 115 2.62 -5.92 10.40
CA TRP B 115 1.77 -4.80 9.96
C TRP B 115 0.30 -5.13 10.15
N GLY B 116 -0.45 -4.08 10.48
CA GLY B 116 -1.91 -4.16 10.57
C GLY B 116 -2.55 -4.26 9.21
N GLN B 117 -3.78 -4.73 9.15
CA GLN B 117 -4.50 -4.93 7.88
C GLN B 117 -4.67 -3.64 7.21
N GLY B 118 -4.69 -2.64 8.04
CA GLY B 118 -4.85 -1.29 7.53
C GLY B 118 -6.23 -0.71 7.70
N THR B 119 -6.29 0.59 7.49
CA THR B 119 -7.54 1.32 7.65
C THR B 119 -7.77 2.39 6.60
N MET B 120 -8.62 2.04 5.65
CA MET B 120 -9.03 2.97 4.59
C MET B 120 -9.67 4.20 5.20
N VAL B 121 -9.23 5.33 4.68
CA VAL B 121 -9.77 6.63 5.06
C VAL B 121 -10.00 7.49 3.86
N THR B 122 -11.26 7.87 3.74
CA THR B 122 -11.72 8.60 2.59
C THR B 122 -12.23 9.97 3.03
N VAL B 123 -11.61 10.98 2.44
CA VAL B 123 -11.94 12.36 2.73
C VAL B 123 -12.78 12.96 1.62
N SER B 124 -14.07 12.99 1.89
CA SER B 124 -15.05 13.50 0.93
C SER B 124 -16.04 14.45 1.54
N SER B 125 -16.09 15.60 0.90
CA SER B 125 -16.94 16.73 1.31
C SER B 125 -18.37 16.46 0.99
N ALA B 126 -18.74 15.20 1.07
CA ALA B 126 -20.09 14.78 0.73
C ALA B 126 -20.68 13.80 1.71
N SER B 127 -21.94 13.52 1.44
CA SER B 127 -22.72 12.56 2.21
C SER B 127 -23.37 11.57 1.28
N THR B 128 -24.27 10.78 1.83
CA THR B 128 -24.90 9.69 1.08
C THR B 128 -25.71 10.26 -0.07
N LYS B 129 -25.45 9.67 -1.22
CA LYS B 129 -26.02 10.07 -2.52
C LYS B 129 -26.24 8.90 -3.45
N GLY B 130 -27.49 8.78 -3.84
CA GLY B 130 -27.94 7.71 -4.74
C GLY B 130 -27.33 7.83 -6.13
N PRO B 131 -27.26 6.69 -6.85
CA PRO B 131 -26.67 6.72 -8.16
C PRO B 131 -27.58 7.32 -9.22
N SER B 132 -26.92 7.78 -10.27
CA SER B 132 -27.56 8.26 -11.48
C SER B 132 -27.07 7.45 -12.66
N VAL B 133 -27.99 6.61 -13.12
CA VAL B 133 -27.73 5.57 -14.13
C VAL B 133 -28.09 6.00 -15.54
N PHE B 134 -27.05 6.01 -16.34
CA PHE B 134 -27.13 6.38 -17.75
C PHE B 134 -26.69 5.21 -18.62
N PRO B 135 -27.34 5.06 -19.76
CA PRO B 135 -27.06 3.91 -20.58
C PRO B 135 -25.89 4.14 -21.49
N LEU B 136 -25.16 3.06 -21.68
CA LEU B 136 -24.08 3.02 -22.66
C LEU B 136 -24.50 2.10 -23.78
N ALA B 137 -25.29 2.67 -24.69
CA ALA B 137 -25.94 1.90 -25.76
C ALA B 137 -24.93 1.34 -26.74
N PRO B 138 -25.26 0.18 -27.31
CA PRO B 138 -24.39 -0.42 -28.28
C PRO B 138 -24.53 0.30 -29.60
N SER B 139 -23.52 0.12 -30.41
CA SER B 139 -23.50 0.70 -31.75
C SER B 139 -22.57 0.00 -32.72
N SER B 140 -22.65 0.47 -33.95
CA SER B 140 -21.88 -0.07 -35.06
C SER B 140 -20.54 0.60 -34.92
N LYS B 141 -20.41 1.19 -33.75
CA LYS B 141 -19.19 1.90 -33.35
C LYS B 141 -18.70 1.39 -32.01
N SER B 142 -19.42 0.41 -31.49
CA SER B 142 -19.05 -0.29 -30.25
C SER B 142 -19.11 -1.80 -30.43
N THR B 143 -19.67 -2.16 -31.58
CA THR B 143 -19.63 -3.52 -32.12
C THR B 143 -18.52 -3.42 -33.16
N SER B 144 -17.87 -4.51 -33.57
CA SER B 144 -18.31 -5.86 -33.36
C SER B 144 -17.31 -6.80 -33.89
N GLY B 145 -17.87 -7.96 -34.14
CA GLY B 145 -17.16 -9.22 -34.38
C GLY B 145 -18.14 -10.31 -34.03
N GLY B 146 -19.34 -10.08 -34.51
CA GLY B 146 -20.51 -10.88 -34.15
C GLY B 146 -20.92 -10.49 -32.75
N THR B 147 -20.02 -9.73 -32.11
CA THR B 147 -20.18 -9.30 -30.71
C THR B 147 -20.17 -7.79 -30.51
N ALA B 148 -21.18 -7.36 -29.78
CA ALA B 148 -21.36 -5.96 -29.42
C ALA B 148 -21.10 -5.77 -27.94
N ALA B 149 -20.81 -4.54 -27.58
CA ALA B 149 -20.58 -4.16 -26.18
C ALA B 149 -21.50 -3.05 -25.71
N LEU B 150 -22.04 -3.25 -24.52
CA LEU B 150 -22.90 -2.27 -23.86
C LEU B 150 -22.86 -2.36 -22.35
N GLY B 151 -23.42 -1.33 -21.74
CA GLY B 151 -23.52 -1.28 -20.27
C GLY B 151 -24.23 -0.10 -19.68
N CYS B 152 -23.81 0.17 -18.46
CA CYS B 152 -24.35 1.27 -17.67
C CYS B 152 -23.25 2.03 -16.98
N LEU B 153 -23.48 3.33 -16.99
CA LEU B 153 -22.61 4.28 -16.32
C LEU B 153 -23.34 4.81 -15.12
N VAL B 154 -22.73 4.58 -13.97
CA VAL B 154 -23.30 4.97 -12.67
C VAL B 154 -22.57 6.12 -12.03
N LYS B 155 -23.22 7.27 -12.04
CA LYS B 155 -22.57 8.53 -11.65
C LYS B 155 -22.96 9.13 -10.32
N ASP B 156 -21.91 9.68 -9.72
CA ASP B 156 -21.95 10.61 -8.60
C ASP B 156 -22.73 10.10 -7.42
N TYR B 157 -22.47 8.86 -7.10
CA TYR B 157 -22.99 8.24 -5.87
C TYR B 157 -22.01 8.42 -4.72
N PHE B 158 -22.49 8.02 -3.55
CA PHE B 158 -21.71 8.09 -2.29
C PHE B 158 -22.45 7.53 -1.06
N PRO B 159 -21.75 6.74 -0.23
CA PRO B 159 -20.41 6.31 -0.53
C PRO B 159 -20.48 5.01 -1.28
N GLU B 160 -19.54 4.14 -0.96
CA GLU B 160 -19.50 2.82 -1.59
C GLU B 160 -20.25 1.82 -0.71
N PRO B 161 -20.80 0.76 -1.32
CA PRO B 161 -20.57 0.57 -2.72
C PRO B 161 -21.83 0.39 -3.51
N VAL B 162 -21.61 0.46 -4.81
CA VAL B 162 -22.62 0.10 -5.77
C VAL B 162 -22.33 -1.29 -6.26
N THR B 163 -23.40 -1.92 -6.69
CA THR B 163 -23.34 -3.29 -7.21
C THR B 163 -24.18 -3.43 -8.44
N VAL B 164 -23.52 -3.92 -9.48
CA VAL B 164 -24.16 -4.15 -10.78
C VAL B 164 -24.23 -5.58 -11.23
N SER B 165 -25.47 -6.00 -11.40
CA SER B 165 -25.78 -7.23 -12.06
C SER B 165 -26.44 -6.89 -13.37
N TRP B 166 -26.65 -7.93 -14.16
CA TRP B 166 -27.34 -7.82 -15.44
C TRP B 166 -28.44 -8.85 -15.52
N ASN B 167 -29.59 -8.34 -15.92
CA ASN B 167 -30.79 -9.16 -16.13
C ASN B 167 -31.01 -10.07 -14.96
N SER B 168 -30.67 -9.50 -13.81
CA SER B 168 -31.02 -10.04 -12.50
C SER B 168 -30.24 -11.30 -12.21
N GLY B 169 -28.96 -11.23 -12.55
CA GLY B 169 -28.00 -12.26 -12.21
C GLY B 169 -27.98 -13.30 -13.29
N ALA B 170 -29.01 -13.23 -14.12
CA ALA B 170 -29.16 -14.15 -15.27
C ALA B 170 -27.91 -14.15 -16.13
N LEU B 171 -27.82 -13.10 -16.92
CA LEU B 171 -26.64 -12.83 -17.78
C LEU B 171 -25.43 -12.43 -16.95
N THR B 172 -24.44 -13.32 -17.00
CA THR B 172 -23.20 -13.16 -16.23
C THR B 172 -21.97 -13.33 -17.12
N SER B 173 -22.27 -13.58 -18.39
CA SER B 173 -21.24 -13.83 -19.40
C SER B 173 -20.08 -12.88 -19.30
N GLY B 174 -19.86 -12.23 -20.44
CA GLY B 174 -18.78 -11.27 -20.64
C GLY B 174 -19.14 -9.99 -19.94
N VAL B 175 -19.75 -10.19 -18.79
CA VAL B 175 -20.09 -9.09 -17.90
C VAL B 175 -18.88 -8.67 -17.11
N HIS B 176 -18.64 -7.38 -17.10
CA HIS B 176 -17.64 -6.81 -16.21
C HIS B 176 -18.02 -5.46 -15.63
N THR B 177 -18.15 -5.47 -14.32
CA THR B 177 -18.31 -4.25 -13.54
C THR B 177 -16.94 -3.78 -13.11
N PHE B 178 -16.64 -2.55 -13.50
CA PHE B 178 -15.34 -1.92 -13.22
C PHE B 178 -15.35 -1.34 -11.81
N PRO B 179 -14.17 -1.12 -11.24
CA PRO B 179 -14.14 -0.44 -9.96
C PRO B 179 -14.39 1.03 -10.15
N ALA B 180 -14.92 1.64 -9.11
CA ALA B 180 -15.27 3.06 -9.10
C ALA B 180 -14.07 3.96 -9.13
N VAL B 181 -14.41 5.22 -9.35
CA VAL B 181 -13.45 6.32 -9.40
C VAL B 181 -13.89 7.48 -8.53
N LEU B 182 -13.07 7.74 -7.53
CA LEU B 182 -13.33 8.82 -6.58
C LEU B 182 -12.96 10.16 -7.20
N GLN B 183 -13.98 10.87 -7.66
CA GLN B 183 -13.75 12.08 -8.43
C GLN B 183 -13.51 13.27 -7.56
N SER B 184 -12.97 14.30 -8.18
CA SER B 184 -12.51 15.46 -7.45
C SER B 184 -13.65 15.98 -6.61
N SER B 185 -14.84 15.49 -6.92
CA SER B 185 -16.06 16.15 -6.43
C SER B 185 -16.45 15.47 -5.14
N GLY B 186 -15.70 14.42 -4.89
CA GLY B 186 -15.85 13.59 -3.70
C GLY B 186 -16.98 12.62 -3.89
N LEU B 187 -17.40 12.50 -5.14
CA LEU B 187 -18.41 11.51 -5.54
C LEU B 187 -17.84 10.38 -6.35
N TYR B 188 -18.41 9.22 -6.14
CA TYR B 188 -18.06 8.01 -6.91
C TYR B 188 -18.86 7.86 -8.18
N SER B 189 -18.18 7.27 -9.14
CA SER B 189 -18.78 6.83 -10.40
C SER B 189 -18.06 5.63 -10.97
N LEU B 190 -18.85 4.72 -11.50
CA LEU B 190 -18.31 3.50 -12.12
C LEU B 190 -19.06 3.09 -13.37
N SER B 191 -18.73 1.89 -13.82
CA SER B 191 -19.31 1.33 -15.04
C SER B 191 -19.38 -0.16 -15.02
N SER B 192 -20.44 -0.65 -15.62
CA SER B 192 -20.59 -2.09 -15.89
C SER B 192 -20.84 -2.33 -17.35
N VAL B 193 -19.99 -3.20 -17.88
CA VAL B 193 -20.06 -3.60 -19.28
C VAL B 193 -20.38 -5.07 -19.40
N VAL B 194 -20.76 -5.42 -20.61
CA VAL B 194 -21.12 -6.79 -20.94
C VAL B 194 -21.22 -7.03 -22.44
N THR B 195 -20.34 -7.90 -22.89
CA THR B 195 -20.26 -8.29 -24.29
C THR B 195 -21.31 -9.31 -24.65
N VAL B 196 -22.17 -8.89 -25.57
CA VAL B 196 -23.28 -9.71 -26.05
C VAL B 196 -23.04 -10.18 -27.49
N PRO B 197 -23.94 -11.02 -28.00
CA PRO B 197 -24.03 -11.36 -29.42
C PRO B 197 -24.62 -10.24 -30.24
N SER B 198 -23.81 -9.80 -31.19
CA SER B 198 -24.13 -8.64 -32.01
C SER B 198 -25.54 -8.78 -32.55
N SER B 199 -26.01 -10.01 -32.51
CA SER B 199 -27.27 -10.40 -33.19
C SER B 199 -28.48 -10.44 -32.26
N SER B 200 -28.19 -10.61 -30.98
CA SER B 200 -29.25 -10.67 -29.94
C SER B 200 -29.80 -9.28 -29.71
N LEU B 201 -28.97 -8.30 -30.01
CA LEU B 201 -29.39 -6.90 -29.95
C LEU B 201 -30.65 -6.79 -30.76
N GLY B 202 -31.44 -5.78 -30.42
CA GLY B 202 -32.62 -5.42 -31.17
C GLY B 202 -33.63 -6.54 -31.08
N THR B 203 -33.25 -7.52 -30.29
CA THR B 203 -34.13 -8.64 -29.94
C THR B 203 -34.11 -8.90 -28.44
N GLN B 204 -33.04 -9.56 -28.03
CA GLN B 204 -32.80 -9.80 -26.61
C GLN B 204 -32.76 -8.50 -25.84
N THR B 205 -33.24 -8.59 -24.62
CA THR B 205 -33.38 -7.43 -23.73
C THR B 205 -32.44 -7.48 -22.55
N TYR B 206 -31.61 -6.46 -22.51
CA TYR B 206 -30.56 -6.35 -21.51
C TYR B 206 -30.84 -5.19 -20.58
N ILE B 207 -30.99 -5.55 -19.33
CA ILE B 207 -31.16 -4.57 -18.26
C ILE B 207 -30.13 -4.76 -17.18
N CYS B 208 -29.40 -3.68 -16.96
CA CYS B 208 -28.45 -3.61 -15.86
C CYS B 208 -29.21 -3.18 -14.62
N ASN B 209 -28.90 -3.88 -13.55
CA ASN B 209 -29.54 -3.65 -12.27
C ASN B 209 -28.52 -3.09 -11.30
N VAL B 210 -28.63 -1.79 -11.09
CA VAL B 210 -27.76 -1.04 -10.20
C VAL B 210 -28.34 -1.07 -8.82
N ASN B 211 -27.49 -1.44 -7.88
CA ASN B 211 -27.88 -1.61 -6.48
C ASN B 211 -26.97 -0.83 -5.56
N HIS B 212 -27.54 0.19 -4.95
CA HIS B 212 -26.85 1.06 -3.98
C HIS B 212 -27.58 1.03 -2.65
N LYS B 213 -27.19 0.08 -1.81
CA LYS B 213 -27.80 -0.09 -0.48
C LYS B 213 -27.57 1.07 0.48
N PRO B 214 -26.42 1.74 0.37
CA PRO B 214 -26.21 2.77 1.38
C PRO B 214 -27.24 3.86 1.27
N SER B 215 -27.75 4.04 0.06
CA SER B 215 -28.65 5.17 -0.28
C SER B 215 -30.06 4.69 -0.57
N ASN B 216 -30.23 3.40 -0.39
CA ASN B 216 -31.52 2.73 -0.45
C ASN B 216 -32.07 2.66 -1.87
N THR B 217 -31.21 3.04 -2.79
CA THR B 217 -31.54 3.07 -4.21
C THR B 217 -31.21 1.80 -4.95
N LYS B 218 -32.22 1.32 -5.65
CA LYS B 218 -32.05 0.26 -6.62
C LYS B 218 -32.61 0.71 -7.96
N VAL B 219 -31.75 0.69 -8.96
CA VAL B 219 -32.13 1.15 -10.30
C VAL B 219 -31.94 0.10 -11.36
N ASP B 220 -32.98 0.00 -12.17
CA ASP B 220 -32.98 -0.88 -13.34
C ASP B 220 -33.09 -0.05 -14.60
N LYS B 221 -32.14 -0.31 -15.47
CA LYS B 221 -32.02 0.43 -16.72
C LYS B 221 -31.88 -0.52 -17.91
N ARG B 222 -32.77 -0.30 -18.86
CA ARG B 222 -32.72 -1.03 -20.14
C ARG B 222 -31.79 -0.31 -21.07
N VAL B 223 -30.79 -1.05 -21.52
CA VAL B 223 -29.80 -0.54 -22.50
C VAL B 223 -30.06 -1.13 -23.87
N GLU B 224 -30.34 -0.22 -24.80
CA GLU B 224 -30.68 -0.59 -26.17
C GLU B 224 -30.01 0.32 -27.19
N PRO B 225 -29.85 -0.20 -28.41
CA PRO B 225 -29.18 0.52 -29.48
C PRO B 225 -29.82 1.86 -29.72
N LYS B 226 -28.94 2.84 -29.86
CA LYS B 226 -29.35 4.23 -30.11
C LYS B 226 -29.89 4.43 -31.51
N SER B 227 -30.80 5.38 -31.60
CA SER B 227 -31.39 5.79 -32.88
C SER B 227 -31.51 7.32 -32.95
N THR C 1 15.42 5.08 -5.27
CA THR C 1 14.77 5.13 -6.59
C THR C 1 14.78 3.78 -7.28
N GLN C 2 13.56 3.33 -7.59
CA GLN C 2 13.32 2.00 -8.18
C GLN C 2 12.42 2.06 -9.40
N PRO C 3 12.54 1.04 -10.26
CA PRO C 3 11.70 0.97 -11.45
C PRO C 3 10.27 0.60 -11.05
N PRO C 4 9.29 1.22 -11.69
CA PRO C 4 7.91 1.02 -11.25
C PRO C 4 7.42 -0.35 -11.66
N SER C 5 8.13 -0.90 -12.64
CA SER C 5 7.73 -2.16 -13.28
C SER C 5 8.85 -3.17 -13.39
N ALA C 6 8.50 -4.38 -13.04
CA ALA C 6 9.38 -5.53 -13.19
C ALA C 6 8.60 -6.76 -13.60
N SER C 7 9.19 -7.47 -14.55
CA SER C 7 8.61 -8.68 -15.12
C SER C 7 9.47 -9.92 -14.87
N GLY C 8 8.80 -11.06 -14.87
CA GLY C 8 9.47 -12.34 -14.65
C GLY C 8 8.62 -13.55 -14.93
N THR C 9 9.29 -14.59 -15.39
CA THR C 9 8.64 -15.87 -15.69
C THR C 9 8.87 -16.83 -14.52
N PRO C 10 7.92 -17.76 -14.29
CA PRO C 10 8.16 -18.69 -13.18
C PRO C 10 9.46 -19.44 -13.29
N GLY C 11 10.12 -19.48 -12.14
CA GLY C 11 11.35 -20.24 -11.93
C GLY C 11 12.52 -19.34 -12.24
N GLN C 12 12.15 -18.20 -12.77
CA GLN C 12 13.12 -17.18 -13.17
C GLN C 12 13.73 -16.54 -11.95
N ARG C 13 14.92 -16.01 -12.16
CA ARG C 13 15.60 -15.23 -11.15
C ARG C 13 15.50 -13.79 -11.57
N VAL C 14 14.84 -13.01 -10.73
CA VAL C 14 14.64 -11.61 -11.02
C VAL C 14 15.27 -10.70 -10.01
N THR C 15 15.40 -9.47 -10.44
CA THR C 15 16.13 -8.44 -9.71
C THR C 15 15.41 -7.12 -9.69
N ILE C 16 15.36 -6.56 -8.50
CA ILE C 16 14.78 -5.24 -8.28
C ILE C 16 15.81 -4.31 -7.67
N SER C 17 15.94 -3.19 -8.36
CA SER C 17 16.94 -2.18 -8.03
C SER C 17 16.38 -1.03 -7.24
N CYS C 18 17.11 -0.73 -6.19
CA CYS C 18 16.82 0.42 -5.34
C CYS C 18 18.08 1.27 -5.22
N SER C 19 18.16 2.26 -6.10
CA SER C 19 19.34 3.12 -6.23
C SER C 19 19.16 4.52 -5.73
N GLY C 20 20.29 5.21 -5.78
CA GLY C 20 20.42 6.60 -5.35
C GLY C 20 21.82 7.07 -5.02
N SER C 21 21.89 7.77 -3.90
CA SER C 21 23.14 8.34 -3.39
C SER C 21 23.29 8.17 -1.88
N THR C 22 24.22 7.28 -1.55
CA THR C 22 24.58 6.99 -0.16
C THR C 22 24.78 8.29 0.61
N ASN C 28 22.07 4.80 4.56
CA ASN C 28 23.02 3.68 4.66
C ASN C 28 22.40 2.28 4.50
N TYR C 29 21.76 1.80 5.56
CA TYR C 29 21.03 0.51 5.49
C TYR C 29 19.76 0.63 4.68
N VAL C 30 19.54 -0.43 3.91
CA VAL C 30 18.34 -0.58 3.08
C VAL C 30 17.56 -1.83 3.47
N TYR C 31 16.25 -1.63 3.52
CA TYR C 31 15.29 -2.69 3.85
C TYR C 31 14.31 -2.93 2.72
N TRP C 32 13.81 -4.15 2.68
CA TRP C 32 12.80 -4.53 1.70
C TRP C 32 11.53 -5.06 2.30
N TYR C 33 10.45 -4.60 1.70
CA TYR C 33 9.11 -4.99 2.07
C TYR C 33 8.33 -5.46 0.87
N GLN C 34 7.62 -6.55 1.11
CA GLN C 34 6.74 -7.13 0.11
C GLN C 34 5.31 -6.88 0.47
N GLN C 35 4.62 -6.25 -0.47
CA GLN C 35 3.19 -6.01 -0.35
C GLN C 35 2.43 -6.83 -1.36
N LEU C 36 2.03 -8.02 -0.92
CA LEU C 36 1.18 -8.88 -1.72
C LEU C 36 -0.08 -8.07 -2.06
N PRO C 37 -0.63 -8.30 -3.26
CA PRO C 37 -1.74 -7.57 -3.87
C PRO C 37 -2.59 -6.79 -2.90
N GLY C 38 -3.57 -7.49 -2.35
CA GLY C 38 -4.62 -6.88 -1.53
C GLY C 38 -4.36 -6.91 -0.04
N THR C 39 -3.09 -7.06 0.28
CA THR C 39 -2.65 -7.14 1.67
C THR C 39 -1.81 -5.96 2.09
N ALA C 40 -1.39 -6.07 3.34
CA ALA C 40 -0.50 -5.09 3.97
C ALA C 40 0.95 -5.48 3.70
N PRO C 41 1.86 -4.51 3.69
CA PRO C 41 3.24 -4.91 3.48
C PRO C 41 3.73 -5.86 4.55
N LYS C 42 4.75 -6.60 4.16
CA LYS C 42 5.46 -7.53 5.05
C LYS C 42 6.98 -7.44 4.84
N LEU C 43 7.69 -7.50 5.96
CA LEU C 43 9.15 -7.42 5.97
C LEU C 43 9.76 -8.62 5.28
N LEU C 44 10.60 -8.30 4.30
CA LEU C 44 11.30 -9.30 3.50
C LEU C 44 12.75 -9.39 3.90
N ILE C 45 13.35 -8.22 3.88
CA ILE C 45 14.80 -8.05 4.07
C ILE C 45 15.12 -6.87 4.94
N TYR C 46 16.06 -7.09 5.83
CA TYR C 46 16.51 -6.03 6.72
C TYR C 46 18.03 -5.94 6.72
N ARG C 47 18.50 -4.73 6.98
CA ARG C 47 19.93 -4.44 7.03
C ARG C 47 20.64 -5.03 5.84
N ASP C 48 20.05 -4.74 4.69
CA ASP C 48 20.65 -5.00 3.38
C ASP C 48 20.46 -6.42 2.93
N ARG C 49 21.03 -7.31 3.74
CA ARG C 49 21.23 -8.71 3.36
C ARG C 49 20.33 -9.68 4.10
N ARG C 50 20.02 -9.30 5.32
CA ARG C 50 19.44 -10.23 6.28
C ARG C 50 17.98 -10.54 5.98
N ARG C 51 17.64 -11.79 6.28
CA ARG C 51 16.29 -12.34 6.11
C ARG C 51 15.67 -12.72 7.44
N PRO C 52 14.57 -12.06 7.80
CA PRO C 52 13.93 -12.58 8.98
C PRO C 52 13.45 -13.99 8.76
N SER C 53 13.35 -14.72 9.84
CA SER C 53 12.80 -16.08 9.82
C SER C 53 11.46 -16.11 9.11
N GLY C 54 11.37 -17.03 8.16
CA GLY C 54 10.14 -17.27 7.42
C GLY C 54 10.20 -16.67 6.03
N VAL C 55 11.36 -16.10 5.75
CA VAL C 55 11.65 -15.52 4.44
C VAL C 55 12.60 -16.42 3.63
N PRO C 56 12.06 -17.14 2.64
CA PRO C 56 12.68 -18.12 1.75
C PRO C 56 14.05 -17.73 1.24
N ASP C 57 14.86 -18.76 1.03
CA ASP C 57 16.19 -18.64 0.41
C ASP C 57 16.12 -17.80 -0.84
N ARG C 58 15.07 -18.10 -1.59
CA ARG C 58 14.82 -17.49 -2.90
C ARG C 58 15.08 -16.00 -2.80
N PHE C 59 14.74 -15.49 -1.63
CA PHE C 59 14.84 -14.06 -1.34
C PHE C 59 16.18 -13.74 -0.74
N SER C 60 16.83 -12.80 -1.39
CA SER C 60 18.14 -12.29 -0.95
C SER C 60 18.35 -10.88 -1.41
N GLY C 61 19.08 -10.14 -0.60
CA GLY C 61 19.37 -8.75 -0.88
C GLY C 61 20.85 -8.46 -0.89
N SER C 62 21.19 -7.46 -1.68
CA SER C 62 22.57 -7.00 -1.79
C SER C 62 22.67 -5.50 -1.95
N LYS C 63 23.80 -5.00 -1.50
CA LYS C 63 24.19 -3.60 -1.66
C LYS C 63 25.49 -3.50 -2.41
N SER C 64 25.44 -2.71 -3.47
CA SER C 64 26.63 -2.48 -4.31
C SER C 64 26.63 -1.10 -4.95
N GLY C 65 27.79 -0.47 -4.86
CA GLY C 65 27.93 0.91 -5.26
C GLY C 65 26.95 1.69 -4.43
N THR C 66 26.31 2.65 -5.08
CA THR C 66 25.28 3.50 -4.47
C THR C 66 23.91 3.01 -4.89
N SER C 67 23.63 1.80 -4.45
CA SER C 67 22.36 1.13 -4.80
C SER C 67 22.29 -0.32 -4.39
N ALA C 68 21.20 -0.60 -3.70
CA ALA C 68 20.88 -1.94 -3.22
C ALA C 68 19.80 -2.54 -4.09
N SER C 69 19.77 -3.86 -4.11
CA SER C 69 18.72 -4.57 -4.85
C SER C 69 18.27 -5.85 -4.22
N LEU C 70 17.09 -6.21 -4.67
CA LEU C 70 16.36 -7.37 -4.18
C LEU C 70 16.38 -8.46 -5.20
N ALA C 71 17.22 -9.42 -4.93
CA ALA C 71 17.35 -10.61 -5.76
C ALA C 71 16.34 -11.62 -5.27
N ILE C 72 15.39 -11.89 -6.15
CA ILE C 72 14.37 -12.89 -5.90
C ILE C 72 14.43 -13.98 -6.97
N SER C 73 14.80 -15.15 -6.49
CA SER C 73 14.97 -16.32 -7.33
C SER C 73 13.83 -17.30 -7.16
N GLY C 74 13.95 -18.34 -7.97
CA GLY C 74 13.04 -19.49 -7.95
C GLY C 74 11.61 -19.09 -8.19
N LEU C 75 11.47 -17.81 -8.50
CA LEU C 75 10.18 -17.16 -8.77
C LEU C 75 8.95 -18.04 -8.87
N ARG C 76 7.94 -17.57 -8.16
CA ARG C 76 6.58 -18.12 -8.22
C ARG C 76 5.57 -17.03 -8.43
N SER C 77 4.35 -17.47 -8.65
CA SER C 77 3.23 -16.56 -8.89
C SER C 77 2.88 -15.89 -7.56
N GLU C 78 3.15 -16.63 -6.50
CA GLU C 78 2.79 -16.19 -5.16
C GLU C 78 3.56 -14.93 -4.88
N ASP C 79 4.61 -14.74 -5.67
CA ASP C 79 5.59 -13.66 -5.45
C ASP C 79 5.17 -12.39 -6.15
N GLU C 80 4.03 -12.50 -6.82
CA GLU C 80 3.46 -11.38 -7.58
C GLU C 80 3.00 -10.32 -6.63
N ALA C 81 3.74 -9.22 -6.63
CA ALA C 81 3.48 -8.12 -5.71
C ALA C 81 4.30 -6.87 -5.98
N ASP C 82 4.05 -5.92 -5.11
CA ASP C 82 4.80 -4.68 -5.07
C ASP C 82 5.88 -4.76 -4.02
N TYR C 83 7.10 -4.49 -4.48
CA TYR C 83 8.29 -4.46 -3.62
C TYR C 83 8.79 -3.06 -3.42
N TYR C 84 8.80 -2.71 -2.15
CA TYR C 84 9.25 -1.42 -1.68
C TYR C 84 10.53 -1.57 -0.86
N CYS C 85 11.52 -0.79 -1.23
CA CYS C 85 12.72 -0.64 -0.40
C CYS C 85 12.53 0.56 0.49
N ALA C 86 13.15 0.49 1.65
CA ALA C 86 13.14 1.57 2.61
C ALA C 86 14.52 1.87 3.12
N TRP C 87 14.67 3.09 3.60
CA TRP C 87 15.88 3.50 4.31
C TRP C 87 15.61 4.71 5.16
N TYR C 88 16.57 4.94 6.04
CA TYR C 88 16.45 6.00 7.05
C TYR C 88 17.34 7.18 6.72
N ASP C 89 16.69 8.25 6.31
CA ASP C 89 17.37 9.51 5.99
C ASP C 89 17.86 10.14 7.26
N ARG C 90 19.14 9.92 7.52
CA ARG C 90 19.77 10.34 8.77
C ARG C 90 19.86 11.86 8.81
N GLU C 91 19.67 12.47 7.65
CA GLU C 91 19.75 13.93 7.55
C GLU C 91 18.41 14.56 7.88
N LEU C 92 17.36 13.87 7.47
CA LEU C 92 15.98 14.32 7.70
C LEU C 92 15.49 13.73 9.00
N SER C 93 16.25 12.76 9.48
CA SER C 93 15.85 11.99 10.66
C SER C 93 14.50 11.35 10.41
N GLU C 94 14.32 10.89 9.19
CA GLU C 94 13.08 10.24 8.80
C GLU C 94 13.29 9.00 7.98
N TRP C 95 12.26 8.15 8.04
CA TRP C 95 12.17 6.97 7.17
C TRP C 95 11.59 7.33 5.81
N VAL C 96 12.22 6.77 4.79
CA VAL C 96 11.78 6.99 3.43
C VAL C 96 11.67 5.71 2.67
N PHE C 97 10.73 5.75 1.74
CA PHE C 97 10.39 4.59 0.92
C PHE C 97 10.70 4.85 -0.53
N GLY C 98 11.26 3.82 -1.15
CA GLY C 98 11.27 3.72 -2.61
C GLY C 98 9.86 3.89 -3.11
N GLY C 99 9.77 4.24 -4.39
CA GLY C 99 8.50 4.51 -5.05
C GLY C 99 7.74 3.24 -5.32
N GLY C 100 8.49 2.15 -5.24
CA GLY C 100 7.96 0.81 -5.46
C GLY C 100 8.22 0.26 -6.83
N THR C 101 8.11 -1.05 -6.89
CA THR C 101 8.25 -1.81 -8.14
C THR C 101 7.19 -2.90 -8.26
N LYS C 102 6.20 -2.64 -9.08
CA LYS C 102 5.18 -3.64 -9.36
C LYS C 102 5.93 -4.77 -10.02
N LEU C 103 5.64 -5.98 -9.57
CA LEU C 103 6.24 -7.17 -10.14
C LEU C 103 5.19 -8.15 -10.56
N THR C 104 5.25 -8.46 -11.83
CA THR C 104 4.30 -9.35 -12.44
C THR C 104 4.95 -10.68 -12.75
N VAL C 105 4.33 -11.72 -12.23
CA VAL C 105 4.66 -13.10 -12.59
C VAL C 105 3.73 -13.60 -13.69
N LEU C 106 4.35 -13.82 -14.84
CA LEU C 106 3.65 -14.13 -16.09
C LEU C 106 2.97 -15.49 -16.12
N GLN C 107 1.91 -15.53 -16.92
CA GLN C 107 1.09 -16.73 -17.13
C GLN C 107 0.30 -16.86 -18.45
N PRO C 108 0.26 -15.81 -19.29
CA PRO C 108 0.10 -15.87 -20.73
C PRO C 108 0.56 -14.59 -21.40
N LYS C 109 -0.32 -14.07 -22.26
CA LYS C 109 -0.31 -12.67 -22.76
C LYS C 109 -1.49 -12.31 -23.66
N ALA C 110 -1.63 -11.01 -23.93
CA ALA C 110 -2.86 -10.49 -24.57
C ALA C 110 -2.97 -8.98 -24.75
N ALA C 111 -3.70 -8.63 -25.80
CA ALA C 111 -3.91 -7.22 -26.18
C ALA C 111 -5.17 -6.64 -25.55
N PRO C 112 -5.37 -5.33 -25.72
CA PRO C 112 -6.54 -4.68 -25.14
C PRO C 112 -7.63 -4.37 -26.12
N SER C 113 -8.82 -4.72 -25.68
CA SER C 113 -10.05 -4.38 -26.39
C SER C 113 -10.61 -3.11 -25.79
N VAL C 114 -10.60 -2.09 -26.63
CA VAL C 114 -11.01 -0.74 -26.24
C VAL C 114 -12.29 -0.34 -26.94
N THR C 115 -13.18 0.20 -26.14
CA THR C 115 -14.44 0.72 -26.63
C THR C 115 -14.72 2.10 -26.08
N LEU C 116 -14.97 3.02 -26.99
CA LEU C 116 -15.29 4.39 -26.65
C LEU C 116 -16.77 4.68 -26.80
N PHE C 117 -17.37 4.99 -25.67
CA PHE C 117 -18.78 5.38 -25.58
C PHE C 117 -18.90 6.89 -25.46
N PRO C 118 -19.69 7.51 -26.33
CA PRO C 118 -19.90 8.93 -26.15
C PRO C 118 -21.03 9.18 -25.18
N PRO C 119 -21.22 10.43 -24.76
CA PRO C 119 -22.30 10.66 -23.81
C PRO C 119 -23.64 10.31 -24.41
N SER C 120 -24.37 9.51 -23.65
CA SER C 120 -25.74 9.17 -24.01
C SER C 120 -26.48 10.46 -24.19
N SER C 121 -27.50 10.41 -25.03
CA SER C 121 -28.38 11.56 -25.27
C SER C 121 -28.90 12.04 -23.95
N GLU C 122 -29.06 11.08 -23.06
CA GLU C 122 -29.82 11.30 -21.80
C GLU C 122 -28.99 12.07 -20.81
N GLU C 123 -27.69 11.93 -20.93
CA GLU C 123 -26.77 12.53 -19.96
C GLU C 123 -26.61 13.98 -20.30
N LEU C 124 -26.79 14.27 -21.58
CA LEU C 124 -26.65 15.63 -22.10
C LEU C 124 -27.80 16.46 -21.55
N GLN C 125 -28.86 15.74 -21.23
CA GLN C 125 -30.09 16.33 -20.71
C GLN C 125 -29.81 16.79 -19.30
N ALA C 126 -28.78 16.19 -18.75
CA ALA C 126 -28.42 16.38 -17.33
C ALA C 126 -27.55 17.62 -17.26
N ASN C 127 -27.13 18.00 -18.44
CA ASN C 127 -26.30 19.16 -18.62
C ASN C 127 -24.88 18.73 -18.33
N LYS C 128 -24.66 17.45 -18.56
CA LYS C 128 -23.32 16.86 -18.49
C LYS C 128 -22.99 16.00 -19.68
N ALA C 129 -21.71 15.66 -19.73
CA ALA C 129 -21.17 14.79 -20.79
C ALA C 129 -19.92 14.06 -20.38
N THR C 130 -20.07 12.76 -20.28
CA THR C 130 -18.97 11.85 -19.93
C THR C 130 -18.64 10.95 -21.10
N LEU C 131 -17.37 10.97 -21.43
CA LEU C 131 -16.80 10.02 -22.38
C LEU C 131 -16.24 8.86 -21.60
N VAL C 132 -16.61 7.67 -22.05
CA VAL C 132 -16.20 6.43 -21.39
C VAL C 132 -15.39 5.52 -22.30
N CYS C 133 -14.17 5.28 -21.85
CA CYS C 133 -13.24 4.36 -22.53
C CYS C 133 -13.02 3.13 -21.68
N LEU C 134 -13.60 2.05 -22.15
CA LEU C 134 -13.56 0.75 -21.45
C LEU C 134 -12.56 -0.19 -22.06
N ILE C 135 -11.54 -0.48 -21.27
CA ILE C 135 -10.38 -1.26 -21.71
C ILE C 135 -10.36 -2.64 -21.09
N SER C 136 -10.27 -3.64 -21.96
CA SER C 136 -10.43 -5.02 -21.53
C SER C 136 -9.58 -6.05 -22.17
N ASP C 137 -9.72 -7.21 -21.56
CA ASP C 137 -9.11 -8.47 -22.00
C ASP C 137 -7.62 -8.37 -22.29
N PHE C 138 -6.91 -7.62 -21.45
CA PHE C 138 -5.46 -7.45 -21.63
C PHE C 138 -4.57 -7.96 -20.52
N TYR C 139 -3.48 -8.57 -20.97
CA TYR C 139 -2.40 -9.06 -20.11
C TYR C 139 -1.00 -8.79 -20.70
N PRO C 140 -0.07 -8.28 -19.88
CA PRO C 140 -0.20 -7.93 -18.46
C PRO C 140 -0.91 -6.61 -18.23
N GLY C 141 -1.46 -6.53 -17.03
CA GLY C 141 -2.32 -5.42 -16.61
C GLY C 141 -1.65 -4.08 -16.40
N ALA C 142 -1.25 -3.49 -17.51
CA ALA C 142 -0.63 -2.16 -17.50
C ALA C 142 -0.82 -1.42 -18.81
N VAL C 143 -1.59 -0.35 -18.70
CA VAL C 143 -1.94 0.49 -19.85
C VAL C 143 -1.71 1.95 -19.56
N THR C 144 -1.52 2.66 -20.66
CA THR C 144 -1.44 4.12 -20.64
C THR C 144 -2.58 4.66 -21.46
N VAL C 145 -3.29 5.61 -20.86
CA VAL C 145 -4.44 6.21 -21.53
C VAL C 145 -4.30 7.69 -21.71
N ALA C 146 -4.24 8.04 -22.99
CA ALA C 146 -4.15 9.43 -23.44
C ALA C 146 -5.40 9.84 -24.20
N TRP C 147 -5.90 11.00 -23.83
CA TRP C 147 -7.14 11.57 -24.38
C TRP C 147 -6.89 12.75 -25.30
N LYS C 148 -7.72 12.79 -26.32
CA LYS C 148 -7.67 13.82 -27.35
C LYS C 148 -8.99 14.49 -27.63
N ALA C 149 -8.89 15.81 -27.67
CA ALA C 149 -9.96 16.67 -28.14
C ALA C 149 -9.61 17.07 -29.55
N ASP C 150 -10.40 16.59 -30.48
CA ASP C 150 -10.11 16.75 -31.88
C ASP C 150 -8.81 16.09 -32.14
N SER C 151 -7.82 16.95 -32.33
CA SER C 151 -6.46 16.52 -32.62
C SER C 151 -5.58 16.76 -31.41
N SER C 152 -5.94 17.79 -30.67
CA SER C 152 -5.12 18.27 -29.55
C SER C 152 -5.38 17.44 -28.30
N PRO C 153 -4.32 16.76 -27.80
CA PRO C 153 -4.32 16.02 -26.55
C PRO C 153 -4.77 16.80 -25.34
N VAL C 154 -5.58 16.12 -24.55
CA VAL C 154 -6.17 16.69 -23.32
C VAL C 154 -5.89 15.86 -22.10
N LYS C 155 -5.79 16.57 -20.99
CA LYS C 155 -5.41 15.98 -19.70
C LYS C 155 -6.51 16.22 -18.69
N ALA C 156 -7.24 17.29 -18.95
CA ALA C 156 -8.29 17.77 -18.06
C ALA C 156 -9.57 16.97 -18.20
N GLY C 157 -10.09 16.61 -17.04
CA GLY C 157 -11.39 15.97 -16.90
C GLY C 157 -11.29 14.46 -16.97
N VAL C 158 -10.05 14.02 -17.10
CA VAL C 158 -9.71 12.59 -17.22
C VAL C 158 -9.59 11.88 -15.87
N GLU C 159 -10.26 10.74 -15.80
CA GLU C 159 -10.16 9.83 -14.66
C GLU C 159 -10.14 8.38 -15.10
N THR C 160 -9.02 7.77 -14.78
CA THR C 160 -8.67 6.41 -15.18
C THR C 160 -8.44 5.57 -13.94
N THR C 161 -8.98 4.37 -13.98
CA THR C 161 -8.84 3.40 -12.89
C THR C 161 -7.62 2.53 -13.10
N THR C 162 -7.06 2.06 -11.99
CA THR C 162 -5.95 1.10 -12.04
C THR C 162 -6.55 -0.26 -12.40
N PRO C 163 -5.90 -0.98 -13.33
CA PRO C 163 -6.48 -2.23 -13.80
C PRO C 163 -6.71 -3.21 -12.69
N SER C 164 -7.85 -3.84 -12.78
CA SER C 164 -8.19 -4.97 -11.93
C SER C 164 -8.29 -6.18 -12.81
N LYS C 165 -9.00 -7.19 -12.29
CA LYS C 165 -9.11 -8.49 -12.96
C LYS C 165 -10.49 -8.72 -13.54
N SER C 167 -12.53 -10.92 -15.35
CA SER C 167 -12.67 -12.21 -14.70
C SER C 167 -12.27 -13.30 -15.67
N ASN C 168 -11.26 -12.97 -16.45
CA ASN C 168 -10.76 -13.83 -17.52
C ASN C 168 -9.37 -14.19 -17.10
N ASN C 169 -9.01 -13.52 -16.03
CA ASN C 169 -7.63 -13.55 -15.58
C ASN C 169 -7.02 -12.39 -16.30
N LYS C 170 -7.76 -11.99 -17.32
CA LYS C 170 -7.43 -10.84 -18.17
C LYS C 170 -7.87 -9.58 -17.47
N TYR C 171 -6.94 -8.63 -17.43
CA TYR C 171 -7.19 -7.32 -16.81
C TYR C 171 -8.14 -6.46 -17.61
N ALA C 172 -8.60 -5.44 -16.91
CA ALA C 172 -9.52 -4.42 -17.46
C ALA C 172 -9.49 -3.13 -16.66
N ALA C 173 -9.34 -2.05 -17.41
CA ALA C 173 -9.42 -0.71 -16.86
C ALA C 173 -10.36 0.19 -17.63
N SER C 174 -10.63 1.32 -16.99
CA SER C 174 -11.60 2.29 -17.48
C SER C 174 -11.09 3.71 -17.37
N SER C 175 -11.53 4.51 -18.32
CA SER C 175 -11.16 5.92 -18.37
C SER C 175 -12.28 6.82 -18.87
N TYR C 176 -12.60 7.80 -18.03
CA TYR C 176 -13.64 8.78 -18.32
C TYR C 176 -13.07 10.16 -18.57
N LEU C 177 -13.61 10.78 -19.59
CA LEU C 177 -13.37 12.19 -19.88
C LEU C 177 -14.64 12.95 -19.55
N SER C 178 -14.45 14.03 -18.82
CA SER C 178 -15.56 14.90 -18.43
C SER C 178 -15.51 16.24 -19.11
N LEU C 179 -16.57 16.49 -19.86
CA LEU C 179 -16.79 17.78 -20.50
C LEU C 179 -18.21 18.28 -20.32
N THR C 180 -18.39 19.49 -20.80
CA THR C 180 -19.69 20.13 -20.82
C THR C 180 -20.36 19.79 -22.14
N PRO C 181 -21.70 19.90 -22.19
CA PRO C 181 -22.31 19.54 -23.47
C PRO C 181 -21.81 20.44 -24.58
N GLU C 182 -21.41 21.64 -24.19
CA GLU C 182 -20.90 22.65 -25.13
C GLU C 182 -19.48 22.27 -25.50
N GLN C 183 -18.80 21.79 -24.48
CA GLN C 183 -17.40 21.31 -24.62
C GLN C 183 -17.34 20.22 -25.66
N TRP C 184 -18.40 19.42 -25.69
CA TRP C 184 -18.44 18.23 -26.53
C TRP C 184 -18.73 18.60 -27.95
N LYS C 185 -19.60 19.59 -28.09
CA LYS C 185 -20.16 19.97 -29.39
C LYS C 185 -19.26 21.02 -30.00
N SER C 186 -18.28 21.41 -29.20
CA SER C 186 -17.36 22.50 -29.52
C SER C 186 -16.12 21.93 -30.18
N HIS C 187 -16.20 20.64 -30.43
CA HIS C 187 -15.13 19.90 -31.09
C HIS C 187 -15.67 18.97 -32.16
N ARG C 188 -14.84 18.74 -33.15
CA ARG C 188 -15.19 17.87 -34.29
C ARG C 188 -15.29 16.45 -33.81
N SER C 189 -14.22 16.05 -33.13
CA SER C 189 -14.05 14.69 -32.64
C SER C 189 -13.37 14.61 -31.30
N TYR C 190 -13.41 13.38 -30.79
CA TYR C 190 -12.74 13.00 -29.55
C TYR C 190 -12.18 11.60 -29.64
N SER C 191 -10.97 11.45 -29.15
CA SER C 191 -10.25 10.18 -29.25
C SER C 191 -9.70 9.70 -27.93
N CYS C 192 -9.96 8.43 -27.69
CA CYS C 192 -9.34 7.67 -26.61
C CYS C 192 -8.31 6.74 -27.20
N GLN C 193 -7.17 6.71 -26.53
CA GLN C 193 -6.02 5.95 -27.00
C GLN C 193 -5.27 5.31 -25.87
N VAL C 194 -5.32 3.97 -25.87
CA VAL C 194 -4.67 3.16 -24.85
C VAL C 194 -3.43 2.48 -25.42
N THR C 195 -2.45 2.38 -24.55
CA THR C 195 -1.13 1.85 -24.86
C THR C 195 -0.78 0.69 -23.97
N HIS C 196 -0.50 -0.42 -24.64
CA HIS C 196 -0.16 -1.69 -23.99
C HIS C 196 1.07 -2.30 -24.61
N GLU C 197 2.10 -2.37 -23.79
CA GLU C 197 3.37 -2.97 -24.17
C GLU C 197 3.84 -2.40 -25.49
N GLY C 198 3.77 -1.08 -25.54
CA GLY C 198 4.43 -0.29 -26.58
C GLY C 198 3.60 -0.28 -27.84
N SER C 199 2.50 -1.00 -27.74
CA SER C 199 1.49 -1.05 -28.79
C SER C 199 0.27 -0.24 -28.40
N THR C 200 -0.20 0.55 -29.34
CA THR C 200 -1.24 1.55 -29.09
C THR C 200 -2.44 1.49 -30.03
N VAL C 201 -3.60 1.37 -29.40
CA VAL C 201 -4.90 1.26 -30.09
C VAL C 201 -5.85 2.38 -29.69
N GLU C 202 -6.26 3.12 -30.71
CA GLU C 202 -7.07 4.35 -30.55
C GLU C 202 -8.45 4.29 -31.17
N LYS C 203 -9.38 4.76 -30.36
CA LYS C 203 -10.81 4.83 -30.70
C LYS C 203 -11.27 6.27 -30.79
N THR C 204 -12.32 6.45 -31.57
CA THR C 204 -12.86 7.79 -31.83
C THR C 204 -14.36 7.93 -31.71
N VAL C 205 -14.73 9.18 -31.51
CA VAL C 205 -16.13 9.59 -31.44
C VAL C 205 -16.31 11.02 -31.92
N ALA C 206 -17.53 11.28 -32.38
CA ALA C 206 -17.91 12.59 -32.91
C ALA C 206 -19.34 12.99 -32.52
N PRO C 207 -19.50 14.23 -32.01
CA PRO C 207 -20.78 14.81 -31.61
C PRO C 207 -21.77 14.80 -32.76
N THR C 208 -21.84 13.63 -33.38
CA THR C 208 -22.73 13.39 -34.52
C THR C 208 -23.27 11.96 -34.54
S SO4 D . 2.11 6.64 26.80
O1 SO4 D . 3.50 6.20 26.92
O2 SO4 D . 1.64 6.43 25.43
O3 SO4 D . 1.31 5.87 27.75
O4 SO4 D . 2.01 8.06 27.11
S SO4 E . 16.87 8.47 23.37
O1 SO4 E . 16.95 7.02 23.46
O2 SO4 E . 16.83 8.84 21.96
O3 SO4 E . 15.67 8.94 24.06
O4 SO4 E . 18.05 9.06 24.00
S SO4 F . 23.08 -13.49 1.28
O1 SO4 F . 24.06 -14.40 1.89
O2 SO4 F . 23.72 -12.74 0.19
O3 SO4 F . 21.97 -14.26 0.74
O4 SO4 F . 22.60 -12.56 2.29
#